data_2WZ5
#
_entry.id   2WZ5
#
_cell.length_a   38.996
_cell.length_b   68.025
_cell.length_c   50.633
_cell.angle_alpha   90.00
_cell.angle_beta   105.88
_cell.angle_gamma   90.00
#
_symmetry.space_group_name_H-M   'P 1 21 1'
#
loop_
_entity.id
_entity.type
_entity.pdbx_description
1 polymer 'SUPEROXIDE DISMUTASE [CU-ZN]'
2 non-polymer 'ZINC ION'
3 non-polymer 'COPPER (II) ION'
4 non-polymer 'SULFATE ION'
5 non-polymer METHIONINE
6 water water
#
_entity_poly.entity_id   1
_entity_poly.type   'polypeptide(L)'
_entity_poly.pdbx_seq_one_letter_code
;ATKAVCVLKGDGPVQGIINFEQKESNGPVKVWGSIKGVTEGLHGFHVHEFGDNTAGCTSAGPHFNPLSRKHGGPKDEERH
VGDLGNVTADKDGVADVSIEDSVISLSGDHCIIGRTLVVHEKADDLGKGGNEESTKTGNAGSRLACGVIGIAQ
;
_entity_poly.pdbx_strand_id   A,F
#
# COMPACT_ATOMS: atom_id res chain seq x y z
N ALA A 1 -7.38 -5.71 -18.08
CA ALA A 1 -7.92 -4.43 -17.43
C ALA A 1 -7.45 -4.24 -15.98
N THR A 2 -6.34 -3.53 -15.77
CA THR A 2 -5.67 -3.56 -14.43
C THR A 2 -6.13 -2.34 -13.65
N LYS A 3 -6.40 -2.48 -12.35
CA LYS A 3 -6.89 -1.40 -11.49
C LYS A 3 -6.07 -1.33 -10.19
N ALA A 4 -5.91 -0.09 -9.72
CA ALA A 4 -5.24 0.20 -8.46
C ALA A 4 -5.91 1.37 -7.76
N VAL A 5 -5.59 1.52 -6.48
CA VAL A 5 -6.25 2.52 -5.67
C VAL A 5 -5.30 2.98 -4.59
N CYS A 6 -5.48 4.21 -4.11
CA CYS A 6 -4.68 4.74 -3.05
C CYS A 6 -5.52 5.66 -2.18
N VAL A 7 -5.51 5.39 -0.87
CA VAL A 7 -6.12 6.25 0.14
C VAL A 7 -5.03 7.16 0.73
N LEU A 8 -5.14 8.48 0.52
CA LEU A 8 -4.20 9.44 1.07
CA LEU A 8 -4.16 9.41 1.07
C LEU A 8 -4.60 9.96 2.42
N LYS A 9 -3.68 9.95 3.38
CA LYS A 9 -3.92 10.47 4.75
C LYS A 9 -2.62 11.09 5.25
N GLY A 10 -2.70 12.00 6.21
CA GLY A 10 -1.49 12.53 6.82
C GLY A 10 -1.60 12.76 8.32
N ASP A 11 -0.79 13.68 8.83
CA ASP A 11 -0.88 14.10 10.23
C ASP A 11 -1.99 15.14 10.43
N GLY A 12 -2.22 15.99 9.42
CA GLY A 12 -3.23 17.03 9.42
C GLY A 12 -4.55 16.68 8.76
N PRO A 13 -5.25 17.67 8.17
CA PRO A 13 -6.59 17.40 7.66
C PRO A 13 -6.67 16.82 6.24
N VAL A 14 -5.53 16.58 5.60
CA VAL A 14 -5.53 16.23 4.17
C VAL A 14 -6.00 14.77 3.99
N GLN A 15 -7.06 14.59 3.20
CA GLN A 15 -7.50 13.26 2.83
C GLN A 15 -7.88 13.15 1.38
N GLY A 16 -7.66 11.98 0.80
CA GLY A 16 -7.85 11.77 -0.62
C GLY A 16 -8.10 10.32 -0.99
N ILE A 17 -8.71 10.11 -2.14
CA ILE A 17 -8.88 8.80 -2.72
C ILE A 17 -8.54 8.95 -4.17
N ILE A 18 -7.64 8.09 -4.66
CA ILE A 18 -7.17 8.13 -6.04
C ILE A 18 -7.20 6.75 -6.66
N ASN A 19 -7.81 6.67 -7.83
CA ASN A 19 -8.05 5.48 -8.57
C ASN A 19 -7.16 5.47 -9.80
N PHE A 20 -6.64 4.31 -10.17
CA PHE A 20 -5.85 4.07 -11.36
C PHE A 20 -6.52 2.98 -12.21
N GLU A 21 -6.47 3.13 -13.53
CA GLU A 21 -6.95 2.13 -14.43
C GLU A 21 -6.10 2.06 -15.68
N GLN A 22 -5.77 0.87 -16.12
CA GLN A 22 -4.89 0.67 -17.27
C GLN A 22 -5.54 -0.47 -18.04
N LYS A 23 -6.08 -0.14 -19.20
CA LYS A 23 -6.77 -1.16 -20.03
C LYS A 23 -5.81 -2.19 -20.67
N GLU A 24 -4.61 -1.75 -21.00
CA GLU A 24 -3.69 -2.53 -21.81
C GLU A 24 -2.32 -2.50 -21.19
N SER A 25 -1.66 -3.66 -21.21
CA SER A 25 -0.25 -3.77 -20.93
C SER A 25 0.45 -2.66 -21.70
N ASN A 26 1.27 -1.89 -21.00
CA ASN A 26 2.02 -0.79 -21.61
C ASN A 26 1.15 0.29 -22.31
N GLY A 27 -0.16 0.31 -22.01
CA GLY A 27 -1.02 1.42 -22.44
C GLY A 27 -1.04 2.51 -21.34
N PRO A 28 -1.72 3.63 -21.59
CA PRO A 28 -1.85 4.69 -20.58
C PRO A 28 -2.69 4.31 -19.38
N VAL A 29 -2.29 4.92 -18.26
CA VAL A 29 -2.95 4.75 -17.01
C VAL A 29 -3.77 6.02 -16.80
N LYS A 30 -5.06 5.85 -16.54
CA LYS A 30 -5.94 6.92 -16.15
C LYS A 30 -5.91 7.02 -14.62
N VAL A 31 -5.82 8.24 -14.09
CA VAL A 31 -5.70 8.49 -12.66
C VAL A 31 -6.77 9.47 -12.30
N TRP A 32 -7.70 9.13 -11.42
CA TRP A 32 -8.75 10.06 -11.07
C TRP A 32 -9.17 9.89 -9.64
N GLY A 33 -9.68 10.98 -9.09
CA GLY A 33 -10.19 11.01 -7.76
C GLY A 33 -10.28 12.41 -7.20
N SER A 34 -10.19 12.51 -5.87
CA SER A 34 -10.39 13.76 -5.15
CA SER A 34 -10.39 13.76 -5.15
C SER A 34 -9.48 13.86 -3.94
N ILE A 35 -9.06 15.08 -3.62
CA ILE A 35 -8.28 15.39 -2.41
C ILE A 35 -8.92 16.61 -1.75
N LYS A 36 -9.13 16.53 -0.43
CA LYS A 36 -9.64 17.67 0.32
C LYS A 36 -8.76 18.05 1.52
N GLY A 37 -8.98 19.26 2.01
CA GLY A 37 -8.23 19.81 3.12
C GLY A 37 -6.89 20.45 2.83
N VAL A 38 -6.68 20.83 1.56
CA VAL A 38 -5.44 21.48 1.16
C VAL A 38 -5.71 22.95 0.85
N THR A 39 -4.66 23.73 0.79
CA THR A 39 -4.82 25.14 0.49
C THR A 39 -5.11 25.34 -1.01
N GLU A 40 -5.83 26.40 -1.35
CA GLU A 40 -6.01 26.77 -2.76
C GLU A 40 -4.73 26.91 -3.53
N GLY A 41 -4.70 26.33 -4.73
CA GLY A 41 -3.54 26.41 -5.59
C GLY A 41 -2.94 25.04 -5.90
N LEU A 42 -1.73 25.07 -6.35
CA LEU A 42 -1.04 23.88 -6.88
CA LEU A 42 -1.08 23.87 -6.88
C LEU A 42 -0.43 23.09 -5.74
N HIS A 43 -0.50 21.74 -5.82
CA HIS A 43 0.19 20.87 -4.89
C HIS A 43 0.87 19.77 -5.65
N GLY A 44 2.18 19.60 -5.47
CA GLY A 44 2.91 18.58 -6.19
C GLY A 44 2.38 17.19 -5.88
N PHE A 45 2.48 16.31 -6.86
CA PHE A 45 1.74 15.02 -6.85
C PHE A 45 2.61 13.98 -7.55
N HIS A 46 3.20 13.08 -6.76
CA HIS A 46 4.17 12.16 -7.24
C HIS A 46 4.07 10.77 -6.64
N VAL A 47 4.56 9.80 -7.41
CA VAL A 47 4.83 8.45 -6.86
C VAL A 47 6.26 8.44 -6.33
N HIS A 48 6.38 8.12 -5.05
CA HIS A 48 7.66 7.93 -4.39
C HIS A 48 8.06 6.46 -4.36
N GLU A 49 9.35 6.21 -4.20
CA GLU A 49 9.91 4.89 -4.44
C GLU A 49 9.36 3.75 -3.58
N PHE A 50 9.26 4.00 -2.29
CA PHE A 50 8.92 2.96 -1.37
C PHE A 50 7.48 3.09 -0.88
N GLY A 51 6.81 1.94 -0.74
CA GLY A 51 5.48 1.82 -0.07
C GLY A 51 5.66 1.67 1.42
N ASP A 52 6.46 2.55 1.99
CA ASP A 52 6.87 2.45 3.40
C ASP A 52 6.33 3.66 4.12
N ASN A 53 5.43 3.42 5.07
CA ASN A 53 4.82 4.44 5.89
CA ASN A 53 4.90 4.50 5.87
C ASN A 53 5.16 4.27 7.36
N THR A 54 6.28 3.59 7.63
CA THR A 54 6.65 3.21 9.01
C THR A 54 6.62 4.44 9.93
N ALA A 55 7.30 5.47 9.49
CA ALA A 55 7.28 6.72 10.30
C ALA A 55 6.54 7.91 9.65
N GLY A 56 5.55 7.57 8.82
CA GLY A 56 4.77 8.50 7.99
C GLY A 56 5.32 8.63 6.59
N CYS A 57 4.89 9.67 5.90
CA CYS A 57 5.22 9.90 4.49
C CYS A 57 6.70 10.03 4.20
N THR A 58 7.47 10.51 5.18
CA THR A 58 8.92 10.61 4.98
C THR A 58 9.55 9.26 4.64
N SER A 59 8.98 8.16 5.16
CA SER A 59 9.56 6.83 4.96
C SER A 59 9.48 6.36 3.51
N ALA A 60 8.70 7.06 2.69
CA ALA A 60 8.54 6.68 1.28
C ALA A 60 9.75 6.98 0.41
N GLY A 61 10.71 7.75 0.94
CA GLY A 61 11.85 8.10 0.18
C GLY A 61 11.64 9.06 -0.97
N PRO A 62 12.55 8.98 -1.96
CA PRO A 62 12.58 9.95 -3.03
C PRO A 62 11.55 9.65 -4.09
N HIS A 63 11.45 10.47 -5.13
CA HIS A 63 10.56 10.16 -6.26
C HIS A 63 10.97 8.83 -6.89
N PHE A 64 9.96 8.04 -7.34
CA PHE A 64 10.22 6.81 -8.05
C PHE A 64 10.94 7.12 -9.38
N ASN A 65 12.20 6.68 -9.48
CA ASN A 65 13.08 7.08 -10.58
C ASN A 65 13.95 5.88 -11.04
N PRO A 66 13.30 4.83 -11.53
CA PRO A 66 14.03 3.66 -11.95
C PRO A 66 14.96 3.87 -13.13
N LEU A 67 14.75 4.92 -13.93
CA LEU A 67 15.60 5.20 -15.08
C LEU A 67 16.62 6.30 -14.82
N SER A 68 16.79 6.69 -13.57
CA SER A 68 17.84 7.66 -13.18
C SER A 68 17.86 9.00 -13.97
N ARG A 69 16.69 9.60 -14.09
CA ARG A 69 16.53 10.89 -14.78
C ARG A 69 16.40 12.00 -13.80
N LYS A 70 16.47 13.22 -14.31
CA LYS A 70 16.16 14.38 -13.51
C LYS A 70 14.64 14.58 -13.38
N HIS A 71 14.26 15.32 -12.36
CA HIS A 71 12.88 15.69 -12.10
C HIS A 71 12.30 16.57 -13.23
N GLY A 72 11.07 16.27 -13.65
CA GLY A 72 10.34 17.08 -14.55
C GLY A 72 8.85 17.00 -14.37
N GLY A 73 8.15 17.53 -15.35
CA GLY A 73 6.70 17.44 -15.48
C GLY A 73 6.28 16.19 -16.23
N PRO A 74 5.01 15.83 -16.13
CA PRO A 74 4.53 14.62 -16.78
C PRO A 74 4.60 14.65 -18.28
N LYS A 75 4.54 15.85 -18.87
CA LYS A 75 4.66 16.01 -20.33
C LYS A 75 6.11 16.17 -20.81
N ASP A 76 7.07 16.04 -19.91
CA ASP A 76 8.50 16.08 -20.28
C ASP A 76 9.12 14.69 -20.54
N GLU A 77 10.02 14.60 -21.51
CA GLU A 77 10.83 13.36 -21.71
C GLU A 77 11.74 13.15 -20.49
N GLU A 78 12.39 14.22 -20.06
CA GLU A 78 13.23 14.17 -18.86
CA GLU A 78 13.22 14.20 -18.86
C GLU A 78 12.35 14.33 -17.61
N ARG A 79 11.97 13.18 -17.03
CA ARG A 79 11.17 13.17 -15.82
C ARG A 79 11.48 11.91 -15.09
N HIS A 80 11.17 11.89 -13.80
CA HIS A 80 11.11 10.66 -13.01
C HIS A 80 9.85 9.89 -13.46
N VAL A 81 9.87 8.55 -13.43
CA VAL A 81 8.61 7.80 -13.67
C VAL A 81 7.51 8.31 -12.74
N GLY A 82 7.83 8.68 -11.49
CA GLY A 82 6.81 9.10 -10.55
C GLY A 82 6.29 10.53 -10.70
N ASP A 83 6.79 11.26 -11.68
CA ASP A 83 6.44 12.65 -11.79
C ASP A 83 5.10 12.92 -12.43
N LEU A 84 4.06 13.09 -11.61
CA LEU A 84 2.71 13.36 -12.10
C LEU A 84 2.27 14.81 -11.96
N GLY A 85 3.19 15.71 -11.73
CA GLY A 85 2.88 17.12 -11.84
C GLY A 85 2.31 17.72 -10.57
N ASN A 86 1.22 18.44 -10.74
CA ASN A 86 0.47 19.07 -9.69
C ASN A 86 -1.02 18.72 -9.75
N VAL A 87 -1.68 18.72 -8.61
CA VAL A 87 -3.14 18.84 -8.57
C VAL A 87 -3.44 20.25 -8.10
N THR A 88 -4.59 20.74 -8.49
CA THR A 88 -4.93 22.14 -8.23
C THR A 88 -6.20 22.19 -7.37
N ALA A 89 -6.13 22.84 -6.20
CA ALA A 89 -7.24 22.96 -5.28
C ALA A 89 -7.90 24.33 -5.43
N ASP A 90 -9.20 24.33 -5.22
CA ASP A 90 -10.02 25.51 -5.29
C ASP A 90 -10.08 26.21 -3.93
N LYS A 91 -10.83 27.30 -3.85
CA LYS A 91 -11.02 27.99 -2.56
C LYS A 91 -11.64 27.09 -1.49
N ASP A 92 -12.34 26.02 -1.90
CA ASP A 92 -12.91 25.01 -0.99
C ASP A 92 -11.80 24.14 -0.39
N GLY A 93 -10.62 24.18 -0.98
CA GLY A 93 -9.54 23.27 -0.59
C GLY A 93 -9.72 21.87 -1.16
N VAL A 94 -10.51 21.74 -2.22
CA VAL A 94 -10.73 20.48 -2.91
C VAL A 94 -10.05 20.44 -4.27
N ALA A 95 -9.29 19.40 -4.50
CA ALA A 95 -8.63 19.15 -5.79
C ALA A 95 -9.27 17.96 -6.43
N ASP A 96 -9.81 18.16 -7.62
CA ASP A 96 -10.35 17.10 -8.41
C ASP A 96 -9.22 16.67 -9.36
N VAL A 97 -8.94 15.36 -9.38
CA VAL A 97 -7.82 14.81 -10.11
C VAL A 97 -8.37 14.05 -11.29
N SER A 98 -7.90 14.42 -12.46
CA SER A 98 -8.21 13.69 -13.68
CA SER A 98 -8.17 13.64 -13.65
C SER A 98 -6.96 13.78 -14.57
N ILE A 99 -6.15 12.74 -14.59
CA ILE A 99 -4.82 12.67 -15.20
C ILE A 99 -4.84 11.41 -16.12
N GLU A 100 -4.16 11.47 -17.25
CA GLU A 100 -3.80 10.27 -18.00
C GLU A 100 -2.30 10.35 -18.19
N ASP A 101 -1.62 9.25 -17.91
CA ASP A 101 -0.16 9.18 -18.01
C ASP A 101 0.31 7.92 -18.70
N SER A 102 1.30 8.08 -19.59
CA SER A 102 1.87 6.96 -20.37
C SER A 102 3.19 6.38 -19.88
N VAL A 103 3.77 6.97 -18.84
CA VAL A 103 5.05 6.58 -18.29
C VAL A 103 4.88 5.65 -17.07
N ILE A 104 4.01 6.01 -16.11
CA ILE A 104 3.66 5.04 -15.06
C ILE A 104 2.99 3.81 -15.68
N SER A 105 3.05 2.70 -14.96
CA SER A 105 2.30 1.53 -15.33
C SER A 105 1.79 0.81 -14.11
N LEU A 106 0.84 -0.07 -14.32
CA LEU A 106 0.38 -0.98 -13.27
C LEU A 106 0.91 -2.43 -13.45
N SER A 107 1.85 -2.63 -14.38
CA SER A 107 2.67 -3.88 -14.42
C SER A 107 4.10 -3.57 -14.92
N GLY A 108 5.00 -4.54 -14.86
CA GLY A 108 6.35 -4.34 -15.43
C GLY A 108 7.31 -3.51 -14.57
N ASP A 109 8.45 -3.10 -15.15
CA ASP A 109 9.48 -2.36 -14.37
C ASP A 109 9.14 -0.90 -14.05
N HIS A 110 8.13 -0.32 -14.71
CA HIS A 110 7.58 0.98 -14.33
C HIS A 110 6.38 0.89 -13.41
N CYS A 111 6.18 -0.29 -12.83
CA CYS A 111 4.99 -0.54 -12.02
C CYS A 111 5.05 0.28 -10.75
N ILE A 112 3.91 0.89 -10.40
CA ILE A 112 3.79 1.73 -9.22
C ILE A 112 3.02 1.04 -8.09
N ILE A 113 2.52 -0.18 -8.33
CA ILE A 113 1.83 -0.89 -7.27
C ILE A 113 2.83 -1.17 -6.13
N GLY A 114 2.42 -0.89 -4.88
CA GLY A 114 3.26 -1.13 -3.74
C GLY A 114 4.20 0.04 -3.44
N ARG A 115 4.02 1.14 -4.16
CA ARG A 115 4.81 2.36 -3.95
C ARG A 115 3.88 3.40 -3.33
N THR A 116 4.38 4.58 -2.99
CA THR A 116 3.58 5.57 -2.30
C THR A 116 3.22 6.75 -3.20
N LEU A 117 1.95 7.16 -3.16
CA LEU A 117 1.50 8.41 -3.78
C LEU A 117 1.51 9.49 -2.70
N VAL A 118 2.07 10.67 -3.05
CA VAL A 118 2.24 11.75 -2.09
C VAL A 118 1.68 13.03 -2.71
N VAL A 119 0.89 13.78 -1.92
CA VAL A 119 0.48 15.11 -2.23
C VAL A 119 1.27 16.10 -1.33
N HIS A 120 1.86 17.12 -1.96
CA HIS A 120 2.79 18.06 -1.29
C HIS A 120 2.19 19.40 -0.84
N GLU A 121 2.92 20.06 0.06
CA GLU A 121 2.53 21.38 0.61
CA GLU A 121 2.69 21.39 0.63
C GLU A 121 2.46 22.50 -0.44
N LYS A 122 3.41 22.54 -1.34
CA LYS A 122 3.55 23.60 -2.33
C LYS A 122 3.40 23.08 -3.76
N ALA A 123 3.51 24.04 -4.69
CA ALA A 123 3.58 23.73 -6.09
C ALA A 123 4.91 22.98 -6.55
N ASP A 124 4.76 22.06 -7.49
CA ASP A 124 5.89 21.46 -8.20
C ASP A 124 6.20 22.36 -9.40
N ASP A 125 7.44 22.83 -9.49
CA ASP A 125 7.88 23.76 -10.58
C ASP A 125 8.29 23.00 -11.87
N LEU A 126 8.05 21.70 -11.85
CA LEU A 126 8.23 20.81 -12.98
C LEU A 126 9.65 20.85 -13.48
N GLY A 127 10.58 21.11 -12.58
CA GLY A 127 12.00 21.15 -12.92
C GLY A 127 12.42 22.39 -13.71
N LYS A 128 11.54 23.39 -13.79
CA LYS A 128 11.82 24.68 -14.51
C LYS A 128 12.11 25.82 -13.55
N GLY A 129 12.45 25.47 -12.30
CA GLY A 129 12.70 26.41 -11.26
C GLY A 129 14.08 27.02 -11.24
N GLY A 130 15.03 26.42 -11.95
CA GLY A 130 16.39 26.96 -12.11
C GLY A 130 17.22 26.99 -10.84
N ASN A 131 16.88 26.15 -9.86
CA ASN A 131 17.83 25.79 -8.82
C ASN A 131 18.06 24.28 -8.80
N GLU A 132 19.07 23.83 -8.06
CA GLU A 132 19.36 22.41 -8.06
C GLU A 132 18.19 21.60 -7.56
N GLU A 133 17.48 22.07 -6.54
CA GLU A 133 16.45 21.18 -6.00
C GLU A 133 15.33 21.07 -7.01
N SER A 134 15.18 22.03 -7.89
CA SER A 134 14.11 21.96 -8.88
C SER A 134 14.21 20.69 -9.71
N THR A 135 15.45 20.28 -10.03
CA THR A 135 15.74 19.11 -10.85
C THR A 135 15.73 17.81 -10.05
N LYS A 136 15.36 17.91 -8.76
CA LYS A 136 15.32 16.76 -7.84
C LYS A 136 13.90 16.57 -7.30
N THR A 137 13.32 17.61 -6.68
CA THR A 137 12.00 17.54 -6.06
C THR A 137 10.93 18.48 -6.65
N GLY A 138 11.34 19.42 -7.52
CA GLY A 138 10.42 20.41 -8.04
C GLY A 138 10.05 21.47 -7.02
N ASN A 139 10.74 21.48 -5.88
CA ASN A 139 10.52 22.48 -4.83
C ASN A 139 9.10 22.40 -4.26
N ALA A 140 8.56 21.19 -4.20
CA ALA A 140 7.18 21.04 -3.71
C ALA A 140 7.02 20.95 -2.17
N GLY A 141 8.11 20.86 -1.40
CA GLY A 141 8.08 21.00 0.02
C GLY A 141 7.58 19.78 0.74
N SER A 142 6.97 20.00 1.92
CA SER A 142 6.65 18.88 2.76
C SER A 142 5.56 18.00 2.19
N ARG A 143 5.41 16.84 2.83
CA ARG A 143 4.44 15.85 2.40
C ARG A 143 3.20 15.96 3.24
N LEU A 144 2.09 16.37 2.64
CA LEU A 144 0.87 16.64 3.41
C LEU A 144 0.08 15.37 3.67
N ALA A 145 0.08 14.44 2.72
CA ALA A 145 -0.69 13.19 2.83
C ALA A 145 -0.10 12.20 1.86
N CYS A 146 -0.31 10.92 2.14
CA CYS A 146 0.25 9.88 1.32
C CYS A 146 -0.47 8.57 1.60
N GLY A 147 -0.27 7.62 0.71
CA GLY A 147 -0.79 6.25 0.89
C GLY A 147 -0.07 5.30 -0.04
N VAL A 148 -0.16 4.01 0.27
CA VAL A 148 0.48 2.99 -0.54
C VAL A 148 -0.51 2.66 -1.64
N ILE A 149 0.01 2.44 -2.85
CA ILE A 149 -0.84 2.12 -4.02
C ILE A 149 -1.11 0.61 -4.03
N GLY A 150 -2.39 0.24 -3.99
CA GLY A 150 -2.81 -1.14 -3.86
C GLY A 150 -3.54 -1.61 -5.10
N ILE A 151 -3.51 -2.92 -5.30
CA ILE A 151 -4.25 -3.58 -6.36
C ILE A 151 -5.72 -3.55 -6.01
N ALA A 152 -6.54 -3.15 -6.98
CA ALA A 152 -7.99 -3.02 -6.80
C ALA A 152 -8.77 -4.02 -7.65
N GLN A 153 -10.02 -4.17 -7.28
CA GLN A 153 -10.90 -5.14 -7.88
C GLN A 153 -11.38 -4.63 -9.22
N ALA B 1 18.08 -9.83 -2.65
CA ALA B 1 17.12 -9.64 -1.47
C ALA B 1 16.00 -8.61 -1.72
N THR B 2 14.76 -9.04 -1.48
CA THR B 2 13.56 -8.24 -1.77
C THR B 2 12.92 -7.96 -0.39
N LYS B 3 12.39 -6.77 -0.20
CA LYS B 3 11.88 -6.36 1.13
C LYS B 3 10.55 -5.67 0.98
N ALA B 4 9.68 -5.84 1.96
CA ALA B 4 8.39 -5.17 1.97
C ALA B 4 8.02 -4.82 3.41
N VAL B 5 7.00 -4.00 3.58
CA VAL B 5 6.64 -3.49 4.90
C VAL B 5 5.16 -3.22 4.89
N CYS B 6 4.56 -3.28 6.07
CA CYS B 6 3.13 -2.96 6.20
C CYS B 6 2.91 -2.30 7.56
N VAL B 7 2.24 -1.17 7.53
CA VAL B 7 1.73 -0.52 8.76
C VAL B 7 0.26 -0.85 8.98
N LEU B 8 -0.04 -1.54 10.06
CA LEU B 8 -1.41 -1.92 10.42
C LEU B 8 -2.03 -0.89 11.31
N LYS B 9 -3.25 -0.50 10.96
CA LYS B 9 -3.99 0.51 11.73
C LYS B 9 -5.42 0.06 11.87
N GLY B 10 -5.95 0.33 13.06
CA GLY B 10 -7.31 0.02 13.43
C GLY B 10 -7.68 0.64 14.75
N ASP B 11 -8.99 0.61 15.06
CA ASP B 11 -9.51 1.27 16.26
C ASP B 11 -8.99 0.57 17.53
N GLY B 12 -8.61 1.34 18.56
CA GLY B 12 -8.08 0.76 19.79
C GLY B 12 -7.27 1.76 20.60
N PRO B 13 -6.12 2.21 20.04
CA PRO B 13 -5.61 1.90 18.72
C PRO B 13 -5.04 0.49 18.65
N VAL B 14 -5.26 -0.18 17.53
CA VAL B 14 -4.49 -1.37 17.17
C VAL B 14 -3.47 -0.80 16.22
N GLN B 15 -2.20 -1.02 16.53
CA GLN B 15 -1.10 -0.55 15.72
C GLN B 15 -0.06 -1.63 15.49
N GLY B 16 0.34 -1.80 14.27
CA GLY B 16 1.32 -2.82 13.96
C GLY B 16 2.31 -2.39 12.91
N ILE B 17 3.48 -2.99 12.96
CA ILE B 17 4.48 -2.78 11.89
CA ILE B 17 4.49 -2.79 11.92
C ILE B 17 5.04 -4.16 11.58
N ILE B 18 4.89 -4.56 10.31
CA ILE B 18 5.33 -5.89 9.89
C ILE B 18 6.26 -5.78 8.71
N ASN B 19 7.43 -6.41 8.84
CA ASN B 19 8.45 -6.40 7.82
C ASN B 19 8.50 -7.75 7.13
N PHE B 20 8.80 -7.76 5.83
CA PHE B 20 8.94 -8.94 5.00
C PHE B 20 10.34 -8.87 4.35
N GLU B 21 11.01 -10.03 4.28
CA GLU B 21 12.28 -10.17 3.56
C GLU B 21 12.35 -11.48 2.83
N GLN B 22 12.79 -11.44 1.58
CA GLN B 22 12.92 -12.64 0.70
C GLN B 22 14.29 -12.50 0.03
N LYS B 23 15.21 -13.32 0.47
CA LYS B 23 16.61 -13.31 -0.05
C LYS B 23 16.71 -13.63 -1.52
N GLU B 24 15.83 -14.51 -1.98
CA GLU B 24 15.85 -15.02 -3.33
C GLU B 24 14.42 -15.38 -3.75
N SER B 25 14.10 -15.15 -5.02
CA SER B 25 12.70 -15.12 -5.47
C SER B 25 12.04 -16.49 -5.43
N ASN B 26 12.88 -17.54 -5.42
CA ASN B 26 12.40 -18.92 -5.26
C ASN B 26 12.53 -19.41 -3.80
N GLY B 27 12.69 -18.48 -2.86
CA GLY B 27 12.93 -18.82 -1.48
C GLY B 27 11.82 -18.33 -0.55
N PRO B 28 11.96 -18.66 0.73
CA PRO B 28 10.94 -18.28 1.71
C PRO B 28 10.98 -16.80 2.07
N VAL B 29 9.85 -16.34 2.60
CA VAL B 29 9.70 -14.97 3.09
C VAL B 29 9.67 -14.98 4.62
N LYS B 30 10.57 -14.26 5.25
CA LYS B 30 10.54 -14.06 6.69
C LYS B 30 9.63 -12.86 6.94
N VAL B 31 8.78 -12.98 7.94
CA VAL B 31 7.84 -11.97 8.30
C VAL B 31 8.05 -11.66 9.78
N TRP B 32 8.33 -10.41 10.14
CA TRP B 32 8.54 -10.12 11.54
C TRP B 32 8.06 -8.71 11.88
N GLY B 33 7.71 -8.54 13.15
CA GLY B 33 7.38 -7.27 13.70
C GLY B 33 6.52 -7.38 14.94
N SER B 34 5.70 -6.37 15.16
CA SER B 34 4.94 -6.24 16.37
C SER B 34 3.59 -5.62 16.12
N ILE B 35 2.63 -6.04 16.93
CA ILE B 35 1.25 -5.56 16.91
C ILE B 35 0.86 -5.31 18.37
N LYS B 36 0.37 -4.11 18.65
CA LYS B 36 -0.11 -3.77 19.97
C LYS B 36 -1.60 -3.33 19.95
N GLY B 37 -2.20 -3.37 21.12
CA GLY B 37 -3.60 -2.95 21.28
C GLY B 37 -4.69 -3.98 21.04
N VAL B 38 -4.32 -5.27 21.05
CA VAL B 38 -5.29 -6.34 20.84
C VAL B 38 -5.46 -7.13 22.11
N THR B 39 -6.53 -7.87 22.18
CA THR B 39 -6.79 -8.70 23.35
C THR B 39 -5.79 -9.90 23.47
N GLU B 40 -5.51 -10.33 24.69
CA GLU B 40 -4.67 -11.54 24.89
C GLU B 40 -5.26 -12.70 24.13
N GLY B 41 -4.40 -13.50 23.53
CA GLY B 41 -4.86 -14.64 22.77
C GLY B 41 -4.59 -14.59 21.28
N LEU B 42 -5.24 -15.48 20.57
CA LEU B 42 -4.96 -15.70 19.11
C LEU B 42 -5.75 -14.74 18.30
N HIS B 43 -5.14 -14.22 17.24
CA HIS B 43 -5.80 -13.36 16.24
C HIS B 43 -5.38 -13.83 14.86
N GLY B 44 -6.36 -14.12 13.99
CA GLY B 44 -6.06 -14.56 12.64
C GLY B 44 -5.30 -13.46 11.89
N PHE B 45 -4.43 -13.91 10.98
CA PHE B 45 -3.42 -13.06 10.35
C PHE B 45 -3.30 -13.50 8.90
N HIS B 46 -3.82 -12.69 7.97
CA HIS B 46 -3.84 -13.05 6.60
C HIS B 46 -3.55 -11.95 5.61
N VAL B 47 -3.09 -12.37 4.42
CA VAL B 47 -3.03 -11.48 3.27
C VAL B 47 -4.37 -11.58 2.54
N HIS B 48 -5.05 -10.46 2.39
CA HIS B 48 -6.29 -10.34 1.62
C HIS B 48 -6.04 -9.88 0.21
N GLU B 49 -7.00 -10.12 -0.69
CA GLU B 49 -6.71 -10.06 -2.12
C GLU B 49 -6.39 -8.64 -2.61
N PHE B 50 -7.14 -7.66 -2.17
CA PHE B 50 -7.00 -6.30 -2.70
C PHE B 50 -6.31 -5.38 -1.72
N GLY B 51 -5.42 -4.51 -2.24
CA GLY B 51 -4.85 -3.43 -1.44
C GLY B 51 -5.72 -2.19 -1.44
N ASP B 52 -7.00 -2.39 -1.17
CA ASP B 52 -8.03 -1.37 -1.27
C ASP B 52 -8.53 -1.17 0.12
N ASN B 53 -8.27 0.02 0.64
CA ASN B 53 -8.78 0.40 1.92
C ASN B 53 -9.70 1.63 1.82
N THR B 54 -10.39 1.75 0.68
CA THR B 54 -11.23 2.93 0.42
CA THR B 54 -11.28 2.89 0.38
C THR B 54 -12.26 3.13 1.51
N ALA B 55 -12.94 2.06 1.89
CA ALA B 55 -13.92 2.18 2.95
C ALA B 55 -13.54 1.44 4.26
N GLY B 56 -12.23 1.25 4.46
CA GLY B 56 -11.66 0.49 5.58
C GLY B 56 -11.15 -0.88 5.15
N CYS B 57 -10.90 -1.75 6.12
CA CYS B 57 -10.41 -3.06 5.87
C CYS B 57 -11.37 -3.98 5.10
N THR B 58 -12.68 -3.73 5.18
CA THR B 58 -13.66 -4.46 4.39
C THR B 58 -13.35 -4.40 2.90
N SER B 59 -12.82 -3.27 2.43
CA SER B 59 -12.56 -3.09 1.01
C SER B 59 -11.49 -4.05 0.46
N ALA B 60 -10.72 -4.66 1.32
CA ALA B 60 -9.70 -5.59 0.92
C ALA B 60 -10.21 -6.92 0.38
N GLY B 61 -11.48 -7.23 0.59
CA GLY B 61 -11.99 -8.46 0.03
C GLY B 61 -11.57 -9.71 0.76
N PRO B 62 -11.63 -10.86 0.06
CA PRO B 62 -11.42 -12.15 0.69
C PRO B 62 -9.94 -12.44 0.84
N HIS B 63 -9.60 -13.57 1.41
CA HIS B 63 -8.18 -14.01 1.50
C HIS B 63 -7.59 -14.09 0.11
N PHE B 64 -6.34 -13.68 -0.01
CA PHE B 64 -5.64 -13.83 -1.28
C PHE B 64 -5.52 -15.34 -1.62
N ASN B 65 -6.15 -15.74 -2.74
CA ASN B 65 -6.29 -17.16 -3.10
C ASN B 65 -6.13 -17.31 -4.62
N PRO B 66 -4.92 -17.02 -5.16
CA PRO B 66 -4.69 -17.12 -6.61
C PRO B 66 -4.89 -18.53 -7.17
N LEU B 67 -4.76 -19.58 -6.34
CA LEU B 67 -4.77 -21.00 -6.79
C LEU B 67 -6.11 -21.68 -6.47
N SER B 68 -7.09 -20.91 -5.99
CA SER B 68 -8.46 -21.38 -5.84
C SER B 68 -8.60 -22.57 -4.88
N ARG B 69 -7.87 -22.53 -3.79
CA ARG B 69 -7.89 -23.57 -2.78
C ARG B 69 -8.81 -23.20 -1.62
N LYS B 70 -8.99 -24.15 -0.71
CA LYS B 70 -9.73 -23.90 0.53
C LYS B 70 -8.79 -23.30 1.58
N HIS B 71 -9.37 -22.63 2.55
CA HIS B 71 -8.64 -22.08 3.71
C HIS B 71 -7.96 -23.15 4.58
N GLY B 72 -6.75 -22.84 5.06
CA GLY B 72 -6.04 -23.68 6.01
C GLY B 72 -5.08 -22.88 6.85
N GLY B 73 -4.23 -23.59 7.57
CA GLY B 73 -3.09 -23.03 8.23
C GLY B 73 -1.87 -22.97 7.35
N PRO B 74 -0.87 -22.20 7.77
CA PRO B 74 0.30 -22.03 6.97
C PRO B 74 1.08 -23.31 6.70
N LYS B 75 0.97 -24.33 7.58
CA LYS B 75 1.68 -25.62 7.38
C LYS B 75 0.90 -26.58 6.52
N ASP B 76 -0.33 -26.25 6.16
CA ASP B 76 -1.16 -27.10 5.32
C ASP B 76 -0.87 -26.94 3.82
N GLU B 77 -0.92 -28.05 3.08
CA GLU B 77 -0.91 -27.99 1.60
C GLU B 77 -2.14 -27.30 1.03
N GLU B 78 -3.28 -27.67 1.57
CA GLU B 78 -4.54 -27.03 1.22
C GLU B 78 -4.68 -25.76 2.05
N ARG B 79 -4.34 -24.63 1.44
CA ARG B 79 -4.46 -23.32 2.10
C ARG B 79 -4.57 -22.29 1.00
N HIS B 80 -5.07 -21.13 1.36
CA HIS B 80 -4.92 -19.95 0.51
C HIS B 80 -3.47 -19.47 0.56
N VAL B 81 -2.96 -18.83 -0.50
CA VAL B 81 -1.63 -18.19 -0.40
C VAL B 81 -1.56 -17.21 0.76
N GLY B 82 -2.63 -16.44 1.02
CA GLY B 82 -2.61 -15.49 2.11
C GLY B 82 -2.76 -16.03 3.52
N ASP B 83 -2.84 -17.37 3.67
CA ASP B 83 -3.08 -17.93 4.96
C ASP B 83 -1.85 -17.99 5.86
N LEU B 84 -1.68 -17.01 6.75
CA LEU B 84 -0.50 -16.95 7.62
C LEU B 84 -0.81 -17.30 9.13
N GLY B 85 -1.94 -17.91 9.38
CA GLY B 85 -2.19 -18.46 10.72
C GLY B 85 -2.76 -17.46 11.67
N ASN B 86 -2.19 -17.46 12.87
CA ASN B 86 -2.49 -16.56 13.95
C ASN B 86 -1.25 -15.89 14.45
N VAL B 87 -1.41 -14.71 15.01
CA VAL B 87 -0.41 -14.12 15.88
C VAL B 87 -1.00 -14.21 17.30
N THR B 88 -0.14 -14.27 18.29
CA THR B 88 -0.63 -14.46 19.68
C THR B 88 -0.19 -13.27 20.52
N ALA B 89 -1.17 -12.60 21.15
CA ALA B 89 -0.96 -11.45 22.03
C ALA B 89 -0.88 -11.90 23.49
N ASP B 90 -0.02 -11.20 24.22
CA ASP B 90 0.22 -11.34 25.66
C ASP B 90 -0.85 -10.55 26.47
N LYS B 91 -0.77 -10.63 27.78
CA LYS B 91 -1.67 -9.82 28.61
C LYS B 91 -1.55 -8.30 28.43
N ASP B 92 -0.40 -7.83 27.99
CA ASP B 92 -0.19 -6.42 27.67
C ASP B 92 -0.83 -6.07 26.31
N GLY B 93 -1.31 -7.08 25.61
CA GLY B 93 -1.96 -6.88 24.30
C GLY B 93 -0.99 -6.71 23.14
N VAL B 94 0.23 -7.18 23.36
CA VAL B 94 1.29 -7.14 22.36
C VAL B 94 1.54 -8.52 21.75
N ALA B 95 1.54 -8.56 20.42
CA ALA B 95 1.87 -9.76 19.66
C ALA B 95 3.16 -9.53 18.93
N ASP B 96 4.14 -10.32 19.25
CA ASP B 96 5.42 -10.27 18.58
C ASP B 96 5.38 -11.33 17.50
N VAL B 97 5.66 -10.93 16.26
CA VAL B 97 5.44 -11.75 15.08
C VAL B 97 6.77 -12.16 14.56
N SER B 98 6.92 -13.47 14.41
CA SER B 98 8.11 -14.06 13.84
CA SER B 98 8.07 -14.01 13.78
C SER B 98 7.62 -15.28 13.05
N ILE B 99 7.59 -15.19 11.74
CA ILE B 99 7.07 -16.23 10.84
C ILE B 99 8.12 -16.42 9.69
N GLU B 100 8.21 -17.61 9.15
CA GLU B 100 8.82 -17.86 7.86
C GLU B 100 7.84 -18.63 6.97
N ASP B 101 7.56 -18.11 5.78
CA ASP B 101 6.58 -18.72 4.90
C ASP B 101 7.16 -19.00 3.53
N SER B 102 6.87 -20.18 3.01
CA SER B 102 7.37 -20.64 1.72
C SER B 102 6.34 -20.48 0.57
N VAL B 103 5.13 -20.04 0.88
CA VAL B 103 4.05 -19.92 -0.12
C VAL B 103 3.78 -18.48 -0.58
N ILE B 104 3.68 -17.53 0.34
CA ILE B 104 3.73 -16.13 -0.07
C ILE B 104 5.04 -15.83 -0.79
N SER B 105 5.04 -14.77 -1.57
CA SER B 105 6.25 -14.28 -2.22
C SER B 105 6.23 -12.80 -2.39
N LEU B 106 7.41 -12.24 -2.63
CA LEU B 106 7.49 -10.80 -2.92
C LEU B 106 7.77 -10.53 -4.40
N SER B 107 7.69 -11.55 -5.22
CA SER B 107 7.60 -11.37 -6.69
C SER B 107 6.75 -12.50 -7.36
N GLY B 108 6.37 -12.32 -8.61
CA GLY B 108 5.69 -13.43 -9.29
C GLY B 108 4.21 -13.60 -8.98
N ASP B 109 3.65 -14.78 -9.30
CA ASP B 109 2.20 -14.94 -9.22
C ASP B 109 1.59 -15.01 -7.82
N HIS B 110 2.44 -15.30 -6.84
CA HIS B 110 2.06 -15.33 -5.43
C HIS B 110 2.51 -14.09 -4.71
N CYS B 111 2.83 -13.05 -5.45
CA CYS B 111 3.28 -11.81 -4.88
C CYS B 111 2.20 -11.16 -4.03
N ILE B 112 2.61 -10.67 -2.84
CA ILE B 112 1.66 -10.05 -1.92
C ILE B 112 1.82 -8.53 -1.87
N ILE B 113 2.83 -8.00 -2.55
CA ILE B 113 2.96 -6.55 -2.60
C ILE B 113 1.74 -5.91 -3.27
N GLY B 114 1.21 -4.86 -2.66
CA GLY B 114 0.03 -4.15 -3.15
C GLY B 114 -1.26 -4.80 -2.67
N ARG B 115 -1.17 -5.80 -1.79
CA ARG B 115 -2.34 -6.43 -1.22
C ARG B 115 -2.44 -6.00 0.26
N THR B 116 -3.46 -6.42 0.99
CA THR B 116 -3.71 -5.99 2.36
C THR B 116 -3.41 -7.06 3.40
N LEU B 117 -2.63 -6.70 4.42
CA LEU B 117 -2.42 -7.56 5.60
C LEU B 117 -3.44 -7.21 6.65
N VAL B 118 -4.11 -8.25 7.18
CA VAL B 118 -5.23 -8.01 8.14
C VAL B 118 -4.96 -8.84 9.41
N VAL B 119 -5.15 -8.20 10.58
CA VAL B 119 -5.23 -8.88 11.86
C VAL B 119 -6.70 -8.88 12.33
N HIS B 120 -7.17 -10.08 12.70
CA HIS B 120 -8.59 -10.33 13.01
C HIS B 120 -8.93 -10.34 14.50
N GLU B 121 -10.23 -10.15 14.75
CA GLU B 121 -10.84 -10.15 16.10
CA GLU B 121 -10.77 -10.12 16.12
C GLU B 121 -10.53 -11.42 16.89
N LYS B 122 -10.70 -12.52 16.21
CA LYS B 122 -10.66 -13.84 16.85
C LYS B 122 -9.59 -14.76 16.31
N ALA B 123 -9.49 -15.95 16.92
CA ALA B 123 -8.59 -16.94 16.40
C ALA B 123 -9.03 -17.48 15.01
N ASP B 124 -8.03 -17.78 14.19
CA ASP B 124 -8.18 -18.57 12.98
C ASP B 124 -8.14 -20.03 13.37
N ASP B 125 -9.18 -20.76 13.06
CA ASP B 125 -9.25 -22.24 13.32
C ASP B 125 -8.48 -23.14 12.33
N LEU B 126 -7.78 -22.50 11.41
CA LEU B 126 -6.92 -23.14 10.45
C LEU B 126 -7.63 -24.14 9.55
N GLY B 127 -8.92 -23.90 9.32
CA GLY B 127 -9.75 -24.76 8.51
C GLY B 127 -10.16 -26.06 9.16
N LYS B 128 -9.95 -26.17 10.48
CA LYS B 128 -10.26 -27.42 11.21
C LYS B 128 -11.49 -27.24 12.10
N GLY B 129 -12.37 -26.26 11.78
CA GLY B 129 -13.46 -25.93 12.64
C GLY B 129 -14.77 -26.65 12.39
N GLY B 130 -14.81 -27.40 11.31
CA GLY B 130 -15.98 -28.27 11.03
C GLY B 130 -17.25 -27.51 10.64
N ASN B 131 -17.13 -26.24 10.24
CA ASN B 131 -18.19 -25.63 9.43
C ASN B 131 -17.73 -25.15 8.04
N GLU B 132 -18.69 -24.69 7.23
CA GLU B 132 -18.33 -24.18 5.92
C GLU B 132 -17.51 -22.95 6.05
N GLU B 133 -17.73 -22.18 7.09
CA GLU B 133 -16.98 -20.92 7.16
C GLU B 133 -15.52 -21.18 7.51
N SER B 134 -15.26 -22.26 8.23
CA SER B 134 -13.89 -22.63 8.57
C SER B 134 -13.00 -22.77 7.33
N THR B 135 -13.58 -23.30 6.25
CA THR B 135 -12.89 -23.60 5.00
C THR B 135 -12.82 -22.34 4.10
N LYS B 136 -13.37 -21.18 4.54
CA LYS B 136 -13.29 -19.90 3.80
C LYS B 136 -12.49 -18.87 4.56
N THR B 137 -12.86 -18.63 5.83
CA THR B 137 -12.25 -17.55 6.61
C THR B 137 -11.49 -18.02 7.86
N GLY B 138 -11.69 -19.28 8.24
CA GLY B 138 -11.19 -19.83 9.53
C GLY B 138 -11.94 -19.31 10.74
N ASN B 139 -13.08 -18.68 10.49
CA ASN B 139 -13.89 -18.18 11.61
C ASN B 139 -13.13 -17.15 12.45
N ALA B 140 -12.27 -16.39 11.81
CA ALA B 140 -11.53 -15.34 12.51
C ALA B 140 -12.25 -13.99 12.80
N GLY B 141 -13.47 -13.75 12.31
CA GLY B 141 -14.28 -12.64 12.77
C GLY B 141 -13.86 -11.35 12.11
N SER B 142 -14.16 -10.25 12.81
CA SER B 142 -13.99 -8.95 12.19
C SER B 142 -12.53 -8.57 11.99
N ARG B 143 -12.35 -7.46 11.29
CA ARG B 143 -11.00 -7.02 10.95
C ARG B 143 -10.60 -5.91 11.91
N LEU B 144 -9.63 -6.20 12.75
CA LEU B 144 -9.23 -5.25 13.76
C LEU B 144 -8.33 -4.14 13.20
N ALA B 145 -7.49 -4.46 12.25
CA ALA B 145 -6.50 -3.52 11.72
C ALA B 145 -5.96 -4.09 10.43
N CYS B 146 -5.49 -3.18 9.58
CA CYS B 146 -4.97 -3.59 8.28
C CYS B 146 -4.14 -2.50 7.69
N GLY B 147 -3.42 -2.88 6.65
CA GLY B 147 -2.61 -1.94 5.86
C GLY B 147 -2.19 -2.57 4.54
N VAL B 148 -1.79 -1.74 3.58
CA VAL B 148 -1.36 -2.23 2.28
C VAL B 148 0.13 -2.58 2.39
N ILE B 149 0.52 -3.70 1.80
CA ILE B 149 1.90 -4.15 1.79
C ILE B 149 2.65 -3.38 0.70
N GLY B 150 3.69 -2.66 1.09
CA GLY B 150 4.50 -1.93 0.15
C GLY B 150 5.95 -2.36 0.05
N ILE B 151 6.56 -2.00 -1.07
CA ILE B 151 7.96 -2.23 -1.32
C ILE B 151 8.78 -1.42 -0.35
N ALA B 152 9.80 -2.04 0.26
CA ALA B 152 10.69 -1.39 1.22
C ALA B 152 12.12 -1.35 0.69
N GLN B 153 12.87 -0.43 1.28
CA GLN B 153 14.27 -0.20 0.96
C GLN B 153 15.15 -1.30 1.50
#